data_7C13
#
_entry.id   7C13
#
_cell.length_a   153.424
_cell.length_b   153.424
_cell.length_c   67.898
_cell.angle_alpha   90.000
_cell.angle_beta   90.000
_cell.angle_gamma   120.000
#
_symmetry.space_group_name_H-M   'P 32 2 1'
#
loop_
_entity.id
_entity.type
_entity.pdbx_description
1 polymer 'Peptide methionine sulfoxide reductase MsrA'
2 polymer Glutaredoxin
#
loop_
_entity_poly.entity_id
_entity_poly.type
_entity_poly.pdbx_seq_one_letter_code
_entity_poly.pdbx_strand_id
1 'polypeptide(L)'
;MDTNQKLSIAVFALGCFWGPDAQFGSIKGVVSTRVGYAGGTTNNPSYYNLGDHSESIEIQYDANVITYGELLNIFWNLHN
PVYETTNRQYMSRIFYLDDGQKSEALEMKRQIEAANGEKIYTEIVPLENFYLAEGYHQKYYLQNTTKLYQTLKAIYGGFG
NLVRSTLAARMNGYIAGNLSIASLKEEMDLVELPEDQYEKVLSIVEEI
;
A
2 'polypeptide(L)'
;MAKEVIVYTSNTCPHSFTVKEFLSENNVEFTEKNIQTDAAARKELMKKGIMAVPVIQIDEEVVVGFDRDKIEELLGLEHH
HHHH
;
B,C
#
# COMPACT_ATOMS: atom_id res chain seq x y z
N LEU A 7 -10.62 -6.72 11.50
CA LEU A 7 -10.01 -7.52 10.46
C LEU A 7 -11.03 -7.91 9.38
N SER A 8 -10.82 -7.40 8.17
CA SER A 8 -11.77 -7.59 7.08
C SER A 8 -11.07 -8.24 5.88
N ILE A 9 -11.88 -8.67 4.92
CA ILE A 9 -11.42 -9.41 3.75
C ILE A 9 -11.86 -8.68 2.49
N ALA A 10 -10.92 -8.51 1.55
CA ALA A 10 -11.21 -8.05 0.20
C ALA A 10 -10.71 -9.10 -0.78
N VAL A 11 -11.31 -9.17 -1.95
CA VAL A 11 -10.90 -10.12 -2.98
C VAL A 11 -10.87 -9.41 -4.32
N PHE A 12 -9.68 -9.28 -4.90
CA PHE A 12 -9.48 -8.57 -6.15
C PHE A 12 -8.92 -9.50 -7.21
N ALA A 13 -8.99 -9.06 -8.46
CA ALA A 13 -8.35 -9.76 -9.56
C ALA A 13 -7.89 -8.72 -10.57
N LEU A 14 -6.59 -8.70 -10.87
CA LEU A 14 -6.02 -7.68 -11.74
C LEU A 14 -4.87 -8.27 -12.53
N GLY A 15 -5.10 -9.42 -13.16
CA GLY A 15 -4.08 -10.10 -13.93
C GLY A 15 -3.40 -11.20 -13.15
N CYS A 16 -2.21 -11.57 -13.63
CA CYS A 16 -1.38 -12.54 -12.92
C CYS A 16 -1.11 -12.04 -11.51
N PHE A 17 -1.30 -12.91 -10.52
CA PHE A 17 -1.42 -12.48 -9.13
C PHE A 17 -0.09 -12.38 -8.38
N TRP A 18 1.03 -12.72 -9.01
CA TRP A 18 2.32 -12.54 -8.35
C TRP A 18 2.55 -11.07 -7.98
N GLY A 19 2.34 -10.19 -8.95
CA GLY A 19 2.47 -8.76 -8.74
C GLY A 19 1.53 -8.24 -7.68
N PRO A 20 0.22 -8.51 -7.82
CA PRO A 20 -0.71 -8.12 -6.74
C PRO A 20 -0.32 -8.62 -5.37
N ASP A 21 0.12 -9.88 -5.27
CA ASP A 21 0.60 -10.39 -3.99
C ASP A 21 1.74 -9.53 -3.46
N ALA A 22 2.78 -9.34 -4.27
CA ALA A 22 3.97 -8.60 -3.83
C ALA A 22 3.68 -7.13 -3.53
N GLN A 23 2.65 -6.56 -4.15
CA GLN A 23 2.32 -5.15 -3.89
C GLN A 23 1.43 -5.00 -2.66
N PHE A 24 0.30 -5.73 -2.62
CA PHE A 24 -0.60 -5.61 -1.49
C PHE A 24 0.03 -6.10 -0.20
N GLY A 25 0.95 -7.08 -0.28
CA GLY A 25 1.63 -7.53 0.91
C GLY A 25 2.65 -6.56 1.45
N SER A 26 2.92 -5.47 0.75
CA SER A 26 3.79 -4.42 1.25
C SER A 26 3.01 -3.30 1.93
N ILE A 27 1.69 -3.38 1.93
CA ILE A 27 0.84 -2.30 2.44
C ILE A 27 0.71 -2.44 3.96
N LYS A 28 1.03 -1.37 4.67
CA LYS A 28 0.72 -1.31 6.09
C LYS A 28 -0.78 -1.33 6.29
N GLY A 29 -1.24 -2.18 7.20
CA GLY A 29 -2.66 -2.45 7.36
C GLY A 29 -3.11 -3.76 6.77
N VAL A 30 -2.40 -4.28 5.77
CA VAL A 30 -2.67 -5.61 5.23
C VAL A 30 -2.07 -6.64 6.18
N VAL A 31 -2.93 -7.48 6.76
CA VAL A 31 -2.47 -8.46 7.72
C VAL A 31 -1.94 -9.71 7.03
N SER A 32 -2.63 -10.18 5.98
CA SER A 32 -2.15 -11.36 5.27
C SER A 32 -2.71 -11.36 3.85
N THR A 33 -2.08 -12.17 2.99
CA THR A 33 -2.52 -12.29 1.60
C THR A 33 -2.46 -13.74 1.17
N ARG A 34 -3.40 -14.11 0.31
CA ARG A 34 -3.37 -15.40 -0.38
C ARG A 34 -3.66 -15.17 -1.86
N VAL A 35 -3.05 -15.97 -2.71
CA VAL A 35 -3.38 -15.95 -4.13
C VAL A 35 -4.17 -17.20 -4.47
N GLY A 36 -5.06 -17.08 -5.45
CA GLY A 36 -5.90 -18.19 -5.82
C GLY A 36 -6.73 -17.91 -7.06
N TYR A 37 -7.88 -18.56 -7.13
CA TYR A 37 -8.76 -18.50 -8.30
C TYR A 37 -10.18 -18.24 -7.85
N ALA A 38 -10.87 -17.37 -8.58
CA ALA A 38 -12.22 -16.98 -8.21
C ALA A 38 -12.92 -16.39 -9.42
N GLY A 39 -14.21 -16.68 -9.54
CA GLY A 39 -15.05 -16.16 -10.62
C GLY A 39 -15.62 -17.22 -11.54
N GLY A 40 -15.12 -18.46 -11.51
CA GLY A 40 -15.60 -19.50 -12.38
C GLY A 40 -16.74 -20.29 -11.77
N THR A 41 -17.10 -21.38 -12.46
CA THR A 41 -18.17 -22.27 -12.04
C THR A 41 -17.67 -23.68 -11.78
N THR A 42 -16.40 -23.85 -11.47
CA THR A 42 -15.79 -25.16 -11.26
C THR A 42 -15.22 -25.25 -9.85
N ASN A 43 -15.18 -26.47 -9.32
CA ASN A 43 -14.68 -26.69 -7.98
C ASN A 43 -13.20 -27.05 -8.00
N ASN A 44 -12.45 -26.46 -7.08
CA ASN A 44 -11.01 -26.65 -6.93
C ASN A 44 -10.28 -26.51 -8.27
N PRO A 45 -10.27 -25.34 -8.87
CA PRO A 45 -9.48 -25.15 -10.09
C PRO A 45 -7.98 -25.19 -9.80
N SER A 46 -7.22 -25.57 -10.81
CA SER A 46 -5.76 -25.59 -10.75
C SER A 46 -5.20 -24.64 -11.78
N TYR A 47 -3.90 -24.32 -11.64
CA TYR A 47 -3.28 -23.29 -12.48
C TYR A 47 -3.39 -23.61 -13.96
N TYR A 48 -3.32 -24.89 -14.34
CA TYR A 48 -3.51 -25.31 -15.71
C TYR A 48 -4.89 -25.89 -15.96
N ASN A 49 -5.85 -25.56 -15.10
CA ASN A 49 -7.22 -26.04 -15.22
C ASN A 49 -8.15 -25.03 -14.53
N LEU A 50 -7.97 -23.75 -14.86
CA LEU A 50 -8.73 -22.69 -14.23
C LEU A 50 -10.21 -22.75 -14.59
N GLY A 51 -10.51 -23.11 -15.83
CA GLY A 51 -11.88 -22.97 -16.29
C GLY A 51 -12.19 -21.51 -16.57
N ASP A 52 -13.36 -21.06 -16.10
CA ASP A 52 -13.75 -19.67 -16.24
C ASP A 52 -13.28 -18.81 -15.08
N HIS A 53 -12.35 -19.32 -14.26
CA HIS A 53 -11.91 -18.61 -13.08
C HIS A 53 -10.90 -17.51 -13.43
N SER A 54 -10.77 -16.56 -12.52
CA SER A 54 -9.81 -15.47 -12.63
C SER A 54 -8.72 -15.64 -11.56
N GLU A 55 -7.50 -15.27 -11.93
CA GLU A 55 -6.40 -15.23 -10.97
C GLU A 55 -6.63 -14.07 -10.01
N SER A 56 -6.77 -14.39 -8.72
CA SER A 56 -7.26 -13.44 -7.74
C SER A 56 -6.35 -13.42 -6.52
N ILE A 57 -6.47 -12.34 -5.76
CA ILE A 57 -5.79 -12.19 -4.47
C ILE A 57 -6.83 -11.91 -3.41
N GLU A 58 -6.73 -12.63 -2.29
CA GLU A 58 -7.52 -12.39 -1.09
C GLU A 58 -6.66 -11.66 -0.08
N ILE A 59 -7.09 -10.48 0.34
CA ILE A 59 -6.37 -9.62 1.26
C ILE A 59 -7.14 -9.58 2.57
N GLN A 60 -6.47 -9.95 3.66
CA GLN A 60 -6.98 -9.73 5.00
C GLN A 60 -6.28 -8.51 5.58
N TYR A 61 -7.07 -7.47 5.89
CA TYR A 61 -6.53 -6.17 6.27
C TYR A 61 -7.15 -5.68 7.56
N ASP A 62 -6.33 -5.00 8.36
CA ASP A 62 -6.78 -4.32 9.57
C ASP A 62 -7.50 -3.04 9.18
N ALA A 63 -8.81 -2.99 9.44
CA ALA A 63 -9.61 -1.84 9.04
C ALA A 63 -9.31 -0.59 9.85
N ASN A 64 -8.60 -0.71 10.98
CA ASN A 64 -8.20 0.47 11.74
C ASN A 64 -7.04 1.22 11.09
N VAL A 65 -6.38 0.62 10.11
CA VAL A 65 -5.21 1.22 9.49
C VAL A 65 -5.49 1.62 8.04
N ILE A 66 -6.21 0.78 7.29
CA ILE A 66 -6.46 1.03 5.88
C ILE A 66 -7.91 0.71 5.57
N THR A 67 -8.52 1.53 4.70
CA THR A 67 -9.91 1.39 4.30
C THR A 67 -10.04 0.47 3.09
N TYR A 68 -11.22 -0.14 2.95
CA TYR A 68 -11.55 -0.84 1.71
C TYR A 68 -11.42 0.09 0.52
N GLY A 69 -11.83 1.35 0.68
CA GLY A 69 -11.69 2.32 -0.40
C GLY A 69 -10.25 2.63 -0.74
N GLU A 70 -9.38 2.65 0.26
CA GLU A 70 -7.96 2.88 0.00
C GLU A 70 -7.35 1.67 -0.71
N LEU A 71 -7.76 0.46 -0.32
CA LEU A 71 -7.35 -0.73 -1.06
C LEU A 71 -7.85 -0.68 -2.50
N LEU A 72 -9.04 -0.10 -2.72
CA LEU A 72 -9.53 0.06 -4.08
C LEU A 72 -8.70 1.08 -4.86
N ASN A 73 -8.32 2.18 -4.19
CA ASN A 73 -7.40 3.14 -4.79
C ASN A 73 -6.13 2.44 -5.27
N ILE A 74 -5.54 1.62 -4.40
CA ILE A 74 -4.33 0.88 -4.79
C ILE A 74 -4.65 -0.10 -5.92
N PHE A 75 -5.83 -0.72 -5.88
CA PHE A 75 -6.24 -1.69 -6.89
C PHE A 75 -6.24 -1.05 -8.28
N TRP A 76 -6.94 0.08 -8.44
CA TRP A 76 -6.95 0.77 -9.72
C TRP A 76 -5.68 1.54 -9.98
N ASN A 77 -4.76 1.61 -9.02
CA ASN A 77 -3.46 2.22 -9.22
C ASN A 77 -2.40 1.23 -9.70
N LEU A 78 -2.73 -0.06 -9.74
CA LEU A 78 -1.79 -1.10 -10.17
C LEU A 78 -2.07 -1.59 -11.58
N HIS A 79 -3.18 -1.21 -12.17
CA HIS A 79 -3.50 -1.57 -13.55
C HIS A 79 -4.59 -0.64 -14.06
N ASN A 80 -4.64 -0.48 -15.38
CA ASN A 80 -5.58 0.43 -16.04
C ASN A 80 -6.48 -0.37 -16.96
N PRO A 81 -7.62 -0.86 -16.46
CA PRO A 81 -8.49 -1.73 -17.26
C PRO A 81 -9.44 -0.95 -18.16
N VAL A 82 -8.86 -0.21 -19.11
CA VAL A 82 -9.64 0.53 -20.09
C VAL A 82 -9.82 -0.27 -21.39
N TYR A 83 -9.52 -1.57 -21.37
CA TYR A 83 -9.68 -2.45 -22.51
C TYR A 83 -10.50 -3.66 -22.10
N GLU A 84 -11.39 -4.10 -22.99
CA GLU A 84 -12.25 -5.23 -22.71
C GLU A 84 -11.67 -6.48 -23.37
N THR A 85 -11.30 -7.46 -22.55
CA THR A 85 -10.85 -8.76 -23.02
C THR A 85 -11.82 -9.84 -22.56
N THR A 86 -11.82 -10.95 -23.28
CA THR A 86 -12.52 -12.15 -22.86
C THR A 86 -11.56 -13.20 -22.28
N ASN A 87 -10.38 -12.77 -21.86
CA ASN A 87 -9.38 -13.66 -21.25
C ASN A 87 -9.66 -13.68 -19.75
N ARG A 88 -10.47 -14.66 -19.32
CA ARG A 88 -10.98 -14.68 -17.96
C ARG A 88 -9.87 -14.90 -16.93
N GLN A 89 -8.77 -15.52 -17.33
CA GLN A 89 -7.68 -15.77 -16.39
C GLN A 89 -7.07 -14.47 -15.87
N TYR A 90 -7.14 -13.39 -16.66
CA TYR A 90 -6.48 -12.14 -16.34
C TYR A 90 -7.43 -10.96 -16.27
N MET A 91 -8.72 -11.20 -16.06
CA MET A 91 -9.69 -10.10 -16.07
C MET A 91 -9.61 -9.30 -14.78
N SER A 92 -10.08 -8.04 -14.86
CA SER A 92 -10.07 -7.11 -13.74
C SER A 92 -11.44 -7.19 -13.06
N ARG A 93 -11.48 -7.74 -11.86
CA ARG A 93 -12.72 -7.97 -11.15
C ARG A 93 -12.57 -7.62 -9.68
N ILE A 94 -13.67 -7.16 -9.08
CA ILE A 94 -13.76 -6.90 -7.66
C ILE A 94 -14.85 -7.81 -7.11
N PHE A 95 -14.46 -8.80 -6.31
CA PHE A 95 -15.42 -9.70 -5.69
C PHE A 95 -15.81 -9.10 -4.34
N TYR A 96 -17.07 -8.69 -4.22
CA TYR A 96 -17.53 -8.02 -3.01
C TYR A 96 -18.15 -9.02 -2.05
N LEU A 97 -17.85 -8.85 -0.77
CA LEU A 97 -18.35 -9.73 0.28
C LEU A 97 -19.61 -9.21 0.96
N ASP A 98 -19.96 -7.93 0.74
CA ASP A 98 -21.19 -7.37 1.26
C ASP A 98 -21.57 -6.16 0.42
N ASP A 99 -22.76 -5.64 0.67
CA ASP A 99 -23.28 -4.54 -0.14
C ASP A 99 -22.50 -3.26 0.05
N GLY A 100 -21.80 -3.09 1.17
CA GLY A 100 -20.95 -1.92 1.35
C GLY A 100 -19.77 -1.92 0.39
N GLN A 101 -19.12 -3.07 0.23
CA GLN A 101 -18.04 -3.18 -0.74
C GLN A 101 -18.55 -2.93 -2.16
N LYS A 102 -19.70 -3.50 -2.50
CA LYS A 102 -20.31 -3.27 -3.80
C LYS A 102 -20.58 -1.78 -4.02
N SER A 103 -21.13 -1.11 -3.02
CA SER A 103 -21.41 0.33 -3.14
C SER A 103 -20.13 1.11 -3.37
N GLU A 104 -19.12 0.90 -2.51
CA GLU A 104 -17.88 1.66 -2.63
C GLU A 104 -17.21 1.41 -3.98
N ALA A 105 -17.18 0.16 -4.43
CA ALA A 105 -16.53 -0.16 -5.70
C ALA A 105 -17.27 0.46 -6.87
N LEU A 106 -18.61 0.37 -6.89
CA LEU A 106 -19.36 0.98 -7.98
C LEU A 106 -19.18 2.49 -8.00
N GLU A 107 -19.20 3.12 -6.82
CA GLU A 107 -19.02 4.57 -6.75
C GLU A 107 -17.65 4.97 -7.27
N MET A 108 -16.60 4.29 -6.82
CA MET A 108 -15.25 4.64 -7.25
C MET A 108 -15.05 4.36 -8.74
N LYS A 109 -15.67 3.31 -9.27
CA LYS A 109 -15.58 3.03 -10.69
C LYS A 109 -16.25 4.14 -11.51
N ARG A 110 -17.45 4.57 -11.09
CA ARG A 110 -18.09 5.71 -11.73
C ARG A 110 -17.19 6.94 -11.70
N GLN A 111 -16.57 7.20 -10.55
CA GLN A 111 -15.74 8.38 -10.41
C GLN A 111 -14.53 8.33 -11.33
N ILE A 112 -13.89 7.16 -11.44
CA ILE A 112 -12.75 7.02 -12.34
C ILE A 112 -13.18 7.22 -13.78
N GLU A 113 -14.28 6.56 -14.18
CA GLU A 113 -14.80 6.71 -15.53
C GLU A 113 -15.05 8.18 -15.87
N ALA A 114 -15.62 8.93 -14.92
CA ALA A 114 -15.93 10.33 -15.18
C ALA A 114 -14.68 11.19 -15.17
N ALA A 115 -13.72 10.88 -14.30
CA ALA A 115 -12.55 11.74 -14.16
C ALA A 115 -11.58 11.59 -15.33
N ASN A 116 -11.46 10.38 -15.87
CA ASN A 116 -10.50 10.15 -16.95
C ASN A 116 -11.13 10.11 -18.33
N GLY A 117 -12.46 10.14 -18.43
CA GLY A 117 -13.12 10.06 -19.71
C GLY A 117 -13.05 8.70 -20.40
N GLU A 118 -12.40 7.72 -19.77
CA GLU A 118 -12.33 6.37 -20.29
C GLU A 118 -13.24 5.46 -19.46
N LYS A 119 -14.04 4.65 -20.13
CA LYS A 119 -14.88 3.71 -19.42
C LYS A 119 -14.01 2.58 -18.85
N ILE A 120 -14.35 2.16 -17.63
CA ILE A 120 -13.58 1.15 -16.91
C ILE A 120 -14.27 -0.19 -17.07
N TYR A 121 -13.50 -1.23 -17.40
CA TYR A 121 -14.05 -2.54 -17.66
C TYR A 121 -13.88 -3.50 -16.48
N THR A 122 -13.42 -3.00 -15.34
CA THR A 122 -13.44 -3.80 -14.12
C THR A 122 -14.88 -4.17 -13.80
N GLU A 123 -15.12 -5.45 -13.49
CA GLU A 123 -16.46 -5.92 -13.19
C GLU A 123 -16.60 -6.16 -11.69
N ILE A 124 -17.65 -5.59 -11.10
CA ILE A 124 -17.94 -5.74 -9.68
C ILE A 124 -18.94 -6.88 -9.52
N VAL A 125 -18.50 -8.00 -8.96
CA VAL A 125 -19.32 -9.20 -8.90
C VAL A 125 -19.31 -9.73 -7.48
N PRO A 126 -20.33 -10.48 -7.08
CA PRO A 126 -20.35 -11.03 -5.72
C PRO A 126 -19.41 -12.23 -5.60
N LEU A 127 -18.73 -12.31 -4.45
CA LEU A 127 -17.81 -13.41 -4.21
C LEU A 127 -18.58 -14.69 -3.93
N GLU A 128 -18.33 -15.71 -4.75
CA GLU A 128 -18.89 -17.04 -4.50
C GLU A 128 -17.89 -17.88 -3.71
N ASN A 129 -16.89 -18.42 -4.41
CA ASN A 129 -15.89 -19.27 -3.78
C ASN A 129 -14.50 -18.83 -4.25
N PHE A 130 -13.63 -18.54 -3.29
CA PHE A 130 -12.22 -18.28 -3.55
C PHE A 130 -11.44 -19.54 -3.24
N TYR A 131 -10.80 -20.12 -4.24
CA TYR A 131 -10.01 -21.32 -4.07
C TYR A 131 -8.53 -20.96 -3.99
N LEU A 132 -7.80 -21.65 -3.13
CA LEU A 132 -6.38 -21.36 -2.98
C LEU A 132 -5.60 -21.83 -4.20
N ALA A 133 -4.54 -21.10 -4.52
CA ALA A 133 -3.62 -21.52 -5.56
C ALA A 133 -2.58 -22.47 -5.00
N GLU A 134 -1.85 -23.12 -5.89
CA GLU A 134 -0.83 -24.08 -5.48
C GLU A 134 0.21 -23.40 -4.60
N GLY A 135 0.84 -24.20 -3.73
CA GLY A 135 1.76 -23.65 -2.76
C GLY A 135 2.94 -22.93 -3.38
N TYR A 136 3.34 -23.32 -4.59
CA TYR A 136 4.48 -22.67 -5.24
C TYR A 136 4.13 -21.30 -5.81
N HIS A 137 2.86 -20.91 -5.80
CA HIS A 137 2.46 -19.56 -6.18
C HIS A 137 2.40 -18.61 -4.99
N GLN A 138 2.35 -19.13 -3.77
CA GLN A 138 2.24 -18.28 -2.59
C GLN A 138 3.59 -17.67 -2.22
N LYS A 139 3.58 -16.38 -1.92
CA LYS A 139 4.78 -15.60 -1.63
C LYS A 139 5.89 -15.97 -2.62
N TYR A 140 5.56 -15.77 -3.89
CA TYR A 140 6.31 -16.38 -4.99
C TYR A 140 7.75 -15.88 -5.02
N TYR A 141 7.97 -14.57 -4.85
CA TYR A 141 9.31 -14.03 -4.91
C TYR A 141 10.14 -14.47 -3.71
N LEU A 142 9.56 -14.39 -2.51
CA LEU A 142 10.27 -14.84 -1.32
C LEU A 142 10.56 -16.33 -1.38
N GLN A 143 9.61 -17.12 -1.84
CA GLN A 143 9.80 -18.57 -1.92
C GLN A 143 10.93 -18.96 -2.86
N ASN A 144 11.30 -18.08 -3.80
CA ASN A 144 12.35 -18.38 -4.77
C ASN A 144 13.71 -17.83 -4.35
N THR A 145 13.80 -17.12 -3.23
CA THR A 145 15.08 -16.79 -2.61
C THR A 145 15.31 -17.83 -1.51
N THR A 146 15.82 -18.99 -1.94
CA THR A 146 15.77 -20.21 -1.11
C THR A 146 16.42 -20.01 0.24
N LYS A 147 17.50 -19.22 0.31
CA LYS A 147 18.22 -18.97 1.54
C LYS A 147 17.32 -18.32 2.59
N LEU A 148 16.95 -17.06 2.36
CA LEU A 148 16.06 -16.35 3.26
C LEU A 148 14.72 -17.07 3.41
N TYR A 149 14.24 -17.70 2.34
CA TYR A 149 12.97 -18.40 2.40
C TYR A 149 13.00 -19.52 3.44
N GLN A 150 13.96 -20.42 3.34
CA GLN A 150 14.01 -21.54 4.27
C GLN A 150 14.41 -21.09 5.66
N THR A 151 15.20 -20.01 5.79
CA THR A 151 15.46 -19.46 7.12
C THR A 151 14.17 -19.00 7.79
N LEU A 152 13.39 -18.17 7.10
CA LEU A 152 12.13 -17.70 7.67
C LEU A 152 11.14 -18.84 7.88
N LYS A 153 11.17 -19.86 7.02
CA LYS A 153 10.26 -20.98 7.16
C LYS A 153 10.61 -21.83 8.38
N ALA A 154 11.91 -21.99 8.66
CA ALA A 154 12.32 -22.66 9.89
C ALA A 154 11.96 -21.83 11.11
N ILE A 155 12.03 -20.50 11.00
CA ILE A 155 11.65 -19.64 12.11
C ILE A 155 10.16 -19.77 12.41
N TYR A 156 9.33 -19.67 11.37
CA TYR A 156 7.88 -19.75 11.54
C TYR A 156 7.35 -21.17 11.65
N GLY A 157 8.21 -22.17 11.49
CA GLY A 157 7.84 -23.56 11.71
C GLY A 157 6.80 -24.11 10.75
N GLY A 158 7.07 -24.01 9.45
CA GLY A 158 6.19 -24.58 8.45
C GLY A 158 5.84 -23.60 7.34
N PHE A 159 5.57 -24.15 6.16
CA PHE A 159 5.19 -23.33 5.01
C PHE A 159 3.87 -22.60 5.26
N GLY A 160 2.89 -23.31 5.85
CA GLY A 160 1.58 -22.70 6.07
C GLY A 160 1.64 -21.56 7.05
N ASN A 161 2.31 -21.76 8.19
CA ASN A 161 2.48 -20.69 9.15
C ASN A 161 3.25 -19.52 8.56
N LEU A 162 4.20 -19.82 7.67
CA LEU A 162 4.98 -18.76 7.04
C LEU A 162 4.11 -17.89 6.13
N VAL A 163 3.55 -18.48 5.08
CA VAL A 163 2.86 -17.70 4.06
C VAL A 163 1.63 -16.98 4.60
N ARG A 164 1.06 -17.45 5.71
CA ARG A 164 -0.12 -16.82 6.28
C ARG A 164 0.22 -15.63 7.18
N SER A 165 1.49 -15.28 7.30
CA SER A 165 1.94 -14.25 8.23
C SER A 165 2.09 -12.90 7.55
N THR A 166 2.08 -11.84 8.36
CA THR A 166 2.31 -10.49 7.84
C THR A 166 3.77 -10.32 7.44
N LEU A 167 4.69 -10.85 8.24
CA LEU A 167 6.10 -10.71 7.94
C LEU A 167 6.45 -11.35 6.60
N ALA A 168 5.79 -12.46 6.25
CA ALA A 168 6.07 -13.10 4.97
C ALA A 168 5.58 -12.24 3.81
N ALA A 169 4.41 -11.59 3.97
CA ALA A 169 3.94 -10.69 2.93
C ALA A 169 4.91 -9.52 2.74
N ARG A 170 5.35 -8.93 3.85
CA ARG A 170 6.29 -7.81 3.75
C ARG A 170 7.61 -8.26 3.14
N MET A 171 8.08 -9.46 3.49
CA MET A 171 9.34 -9.95 2.94
C MET A 171 9.22 -10.25 1.45
N ASN A 172 8.12 -10.86 1.03
CA ASN A 172 7.88 -11.11 -0.38
C ASN A 172 7.79 -9.80 -1.17
N GLY A 173 7.21 -8.77 -0.55
CA GLY A 173 7.17 -7.48 -1.22
C GLY A 173 8.53 -6.83 -1.32
N TYR A 174 9.32 -6.88 -0.24
CA TYR A 174 10.65 -6.28 -0.25
C TYR A 174 11.55 -6.97 -1.26
N ILE A 175 11.49 -8.30 -1.33
CA ILE A 175 12.26 -9.04 -2.34
C ILE A 175 11.88 -8.57 -3.74
N ALA A 176 10.61 -8.22 -3.95
CA ALA A 176 10.14 -7.72 -5.24
C ALA A 176 10.40 -6.24 -5.42
N GLY A 177 11.08 -5.58 -4.49
CA GLY A 177 11.40 -4.18 -4.63
C GLY A 177 10.25 -3.22 -4.39
N ASN A 178 9.19 -3.68 -3.71
CA ASN A 178 8.02 -2.85 -3.45
C ASN A 178 7.98 -2.32 -2.01
N LEU A 179 9.05 -2.48 -1.25
CA LEU A 179 9.05 -2.12 0.16
C LEU A 179 10.40 -1.56 0.57
N SER A 180 10.37 -0.44 1.28
CA SER A 180 11.60 0.11 1.83
C SER A 180 12.19 -0.83 2.87
N ILE A 181 13.53 -0.87 2.93
CA ILE A 181 14.19 -1.72 3.92
C ILE A 181 13.90 -1.20 5.32
N ALA A 182 13.73 0.11 5.48
CA ALA A 182 13.40 0.67 6.79
C ALA A 182 12.07 0.13 7.30
N SER A 183 11.04 0.12 6.45
CA SER A 183 9.75 -0.40 6.87
C SER A 183 9.77 -1.92 7.05
N LEU A 184 10.66 -2.62 6.33
CA LEU A 184 10.88 -4.03 6.64
C LEU A 184 11.43 -4.20 8.05
N LYS A 185 12.37 -3.33 8.44
CA LYS A 185 12.85 -3.35 9.83
C LYS A 185 11.73 -3.03 10.80
N GLU A 186 10.84 -2.10 10.43
CA GLU A 186 9.72 -1.75 11.31
C GLU A 186 8.78 -2.92 11.52
N GLU A 187 8.44 -3.63 10.44
CA GLU A 187 7.60 -4.81 10.59
C GLU A 187 8.31 -5.91 11.38
N MET A 188 9.61 -6.09 11.15
CA MET A 188 10.37 -7.06 11.94
C MET A 188 10.35 -6.71 13.41
N ASP A 189 10.42 -5.42 13.74
CA ASP A 189 10.23 -4.98 15.11
C ASP A 189 8.84 -5.36 15.61
N LEU A 190 7.82 -5.20 14.76
CA LEU A 190 6.48 -5.61 15.13
C LEU A 190 6.41 -7.10 15.47
N VAL A 191 7.15 -7.93 14.72
CA VAL A 191 7.09 -9.37 14.94
C VAL A 191 7.69 -9.75 16.30
N GLU A 192 8.69 -8.99 16.75
CA GLU A 192 9.41 -9.25 18.00
C GLU A 192 10.11 -10.61 17.95
N LEU A 193 11.10 -10.69 17.07
CA LEU A 193 11.92 -11.89 16.98
C LEU A 193 12.86 -11.98 18.17
N PRO A 194 13.23 -13.20 18.58
CA PRO A 194 14.07 -13.36 19.78
C PRO A 194 15.53 -12.93 19.58
N GLU A 195 15.72 -11.87 18.80
CA GLU A 195 17.01 -11.16 18.67
C GLU A 195 18.02 -11.92 17.81
N ASP A 196 18.27 -13.20 18.10
CA ASP A 196 19.24 -13.95 17.29
C ASP A 196 18.70 -14.23 15.90
N GLN A 197 17.48 -14.79 15.82
CA GLN A 197 16.81 -14.93 14.53
C GLN A 197 16.66 -13.59 13.84
N TYR A 198 16.48 -12.52 14.63
CA TYR A 198 16.35 -11.19 14.05
C TYR A 198 17.58 -10.81 13.24
N GLU A 199 18.77 -10.90 13.86
CA GLU A 199 19.96 -10.52 13.12
C GLU A 199 20.30 -11.52 12.03
N LYS A 200 19.94 -12.80 12.20
CA LYS A 200 20.13 -13.73 11.08
C LYS A 200 19.32 -13.28 9.87
N VAL A 201 18.05 -12.96 10.08
CA VAL A 201 17.19 -12.53 8.97
C VAL A 201 17.71 -11.23 8.37
N LEU A 202 18.14 -10.28 9.21
CA LEU A 202 18.64 -9.01 8.69
C LEU A 202 19.93 -9.21 7.91
N SER A 203 20.79 -10.12 8.38
CA SER A 203 22.01 -10.45 7.64
C SER A 203 21.66 -10.99 6.26
N ILE A 204 20.65 -11.85 6.18
CA ILE A 204 20.30 -12.41 4.88
C ILE A 204 19.67 -11.35 3.97
N VAL A 205 18.82 -10.47 4.52
CA VAL A 205 18.11 -9.50 3.68
C VAL A 205 19.07 -8.43 3.17
N GLU A 206 20.05 -8.03 3.99
CA GLU A 206 20.99 -7.01 3.52
C GLU A 206 22.07 -7.58 2.61
N GLU A 207 22.13 -8.91 2.45
CA GLU A 207 22.98 -9.52 1.43
C GLU A 207 22.48 -9.25 0.01
N ILE A 208 21.28 -8.70 -0.13
CA ILE A 208 20.68 -8.50 -1.43
C ILE A 208 20.60 -7.01 -1.77
N GLU B 4 -6.82 6.84 26.51
CA GLU B 4 -7.40 7.61 25.42
C GLU B 4 -6.30 8.13 24.50
N VAL B 5 -6.38 7.77 23.22
CA VAL B 5 -5.33 8.05 22.25
C VAL B 5 -5.94 8.75 21.04
N ILE B 6 -5.24 9.77 20.52
CA ILE B 6 -5.60 10.43 19.29
C ILE B 6 -4.38 10.42 18.37
N VAL B 7 -4.61 10.13 17.09
CA VAL B 7 -3.55 10.13 16.08
C VAL B 7 -3.92 11.17 15.03
N TYR B 8 -3.14 12.24 14.94
CA TYR B 8 -3.34 13.27 13.92
C TYR B 8 -2.61 12.83 12.66
N THR B 9 -3.35 12.54 11.60
CA THR B 9 -2.82 11.92 10.40
C THR B 9 -2.85 12.91 9.24
N SER B 10 -2.34 12.45 8.10
CA SER B 10 -2.26 13.24 6.88
C SER B 10 -2.63 12.34 5.71
N ASN B 11 -2.64 12.94 4.51
CA ASN B 11 -2.79 12.17 3.28
C ASN B 11 -1.45 11.77 2.68
N THR B 12 -0.52 11.34 3.53
CA THR B 12 0.80 10.87 3.14
C THR B 12 0.98 9.49 3.75
N CYS B 13 1.23 8.51 2.91
CA CYS B 13 1.10 7.09 3.22
C CYS B 13 2.28 6.41 3.94
N PRO B 14 3.51 6.99 4.04
CA PRO B 14 4.58 6.24 4.73
C PRO B 14 4.35 6.07 6.22
N HIS B 15 4.08 7.18 6.93
CA HIS B 15 4.25 7.23 8.37
C HIS B 15 2.95 7.20 9.16
N SER B 16 1.88 7.84 8.67
CA SER B 16 0.60 7.72 9.35
C SER B 16 0.19 6.26 9.49
N PHE B 17 0.32 5.49 8.41
CA PHE B 17 0.03 4.07 8.46
C PHE B 17 1.00 3.33 9.37
N THR B 18 2.26 3.79 9.45
CA THR B 18 3.20 3.16 10.38
C THR B 18 2.72 3.28 11.81
N VAL B 19 2.39 4.51 12.24
CA VAL B 19 1.93 4.73 13.60
C VAL B 19 0.63 3.98 13.86
N LYS B 20 -0.28 3.99 12.88
CA LYS B 20 -1.57 3.33 13.07
C LYS B 20 -1.42 1.82 13.17
N GLU B 21 -0.55 1.23 12.34
CA GLU B 21 -0.32 -0.21 12.43
C GLU B 21 0.34 -0.59 13.75
N PHE B 22 1.30 0.23 14.20
CA PHE B 22 1.92 -0.03 15.50
C PHE B 22 0.87 -0.01 16.60
N LEU B 23 0.01 1.00 16.61
CA LEU B 23 -0.97 1.13 17.69
C LEU B 23 -2.00 0.00 17.64
N SER B 24 -2.50 -0.32 16.45
CA SER B 24 -3.54 -1.34 16.33
C SER B 24 -2.98 -2.74 16.62
N GLU B 25 -1.74 -3.01 16.20
CA GLU B 25 -1.15 -4.31 16.44
C GLU B 25 -0.96 -4.56 17.93
N ASN B 26 -0.67 -3.51 18.70
CA ASN B 26 -0.61 -3.60 20.15
C ASN B 26 -1.98 -3.45 20.80
N ASN B 27 -3.05 -3.59 20.03
CA ASN B 27 -4.43 -3.59 20.51
C ASN B 27 -4.81 -2.30 21.23
N VAL B 28 -4.09 -1.22 20.97
CA VAL B 28 -4.42 0.08 21.55
C VAL B 28 -5.47 0.74 20.66
N GLU B 29 -6.65 0.99 21.22
CA GLU B 29 -7.72 1.64 20.48
C GLU B 29 -7.49 3.14 20.44
N PHE B 30 -7.60 3.71 19.24
CA PHE B 30 -7.36 5.14 19.04
C PHE B 30 -8.40 5.70 18.08
N THR B 31 -8.54 7.03 18.11
CA THR B 31 -9.34 7.76 17.15
C THR B 31 -8.43 8.60 16.26
N GLU B 32 -8.69 8.57 14.96
CA GLU B 32 -7.81 9.19 13.98
C GLU B 32 -8.46 10.46 13.44
N LYS B 33 -7.70 11.56 13.50
CA LYS B 33 -8.12 12.84 12.95
C LYS B 33 -7.18 13.22 11.83
N ASN B 34 -7.70 13.30 10.61
CA ASN B 34 -6.90 13.59 9.43
C ASN B 34 -6.83 15.11 9.25
N ILE B 35 -5.66 15.69 9.52
CA ILE B 35 -5.51 17.14 9.53
C ILE B 35 -5.47 17.75 8.14
N GLN B 36 -5.54 16.94 7.08
CA GLN B 36 -5.68 17.46 5.72
C GLN B 36 -7.11 17.38 5.21
N THR B 37 -8.01 16.72 5.94
CA THR B 37 -9.42 16.68 5.62
C THR B 37 -10.31 17.20 6.74
N ASP B 38 -9.77 17.42 7.93
CA ASP B 38 -10.51 17.94 9.08
C ASP B 38 -9.81 19.21 9.53
N ALA B 39 -10.33 20.36 9.06
CA ALA B 39 -9.73 21.65 9.43
C ALA B 39 -9.77 21.87 10.93
N ALA B 40 -10.83 21.41 11.59
CA ALA B 40 -10.92 21.54 13.04
C ALA B 40 -9.81 20.76 13.73
N ALA B 41 -9.49 19.58 13.22
CA ALA B 41 -8.41 18.78 13.80
C ALA B 41 -7.06 19.49 13.68
N ARG B 42 -6.82 20.15 12.54
CA ARG B 42 -5.56 20.86 12.37
C ARG B 42 -5.51 22.12 13.22
N LYS B 43 -6.64 22.79 13.40
CA LYS B 43 -6.69 23.94 14.30
C LYS B 43 -6.46 23.51 15.74
N GLU B 44 -6.92 22.32 16.11
CA GLU B 44 -6.67 21.81 17.45
C GLU B 44 -5.22 21.39 17.64
N LEU B 45 -4.63 20.79 16.60
CA LEU B 45 -3.22 20.44 16.67
C LEU B 45 -2.33 21.67 16.73
N MET B 46 -2.74 22.76 16.09
CA MET B 46 -1.97 24.00 16.17
C MET B 46 -2.08 24.65 17.54
N LYS B 47 -3.18 24.40 18.26
CA LYS B 47 -3.29 24.86 19.64
C LYS B 47 -2.30 24.15 20.55
N LYS B 48 -1.84 22.96 20.15
CA LYS B 48 -0.67 22.36 20.78
C LYS B 48 0.59 23.03 20.24
N GLY B 49 1.66 22.95 21.02
CA GLY B 49 2.91 23.58 20.63
C GLY B 49 3.62 22.85 19.51
N ILE B 50 2.96 22.72 18.35
CA ILE B 50 3.51 21.93 17.25
C ILE B 50 4.47 22.74 16.39
N MET B 51 4.30 24.06 16.30
CA MET B 51 5.27 24.90 15.63
C MET B 51 6.43 25.27 16.55
N ALA B 52 6.37 24.87 17.82
CA ALA B 52 7.48 25.02 18.75
C ALA B 52 8.51 23.92 18.61
N VAL B 53 8.18 22.83 17.92
CA VAL B 53 9.14 21.76 17.69
C VAL B 53 10.16 22.21 16.66
N PRO B 54 11.46 22.12 16.93
CA PRO B 54 12.46 22.51 15.95
C PRO B 54 12.67 21.42 14.90
N VAL B 55 13.24 21.84 13.78
CA VAL B 55 13.58 20.94 12.67
C VAL B 55 15.00 21.23 12.25
N ILE B 56 15.81 20.18 12.11
CA ILE B 56 17.22 20.28 11.78
C ILE B 56 17.43 19.72 10.38
N GLN B 57 17.89 20.58 9.47
CA GLN B 57 18.21 20.18 8.11
C GLN B 57 19.71 19.94 8.00
N ILE B 58 20.09 18.70 7.73
CA ILE B 58 21.48 18.32 7.53
C ILE B 58 21.69 18.18 6.03
N ASP B 59 22.21 19.24 5.40
CA ASP B 59 22.52 19.31 3.98
C ASP B 59 21.33 18.99 3.08
N GLU B 60 20.54 17.98 3.45
CA GLU B 60 19.40 17.58 2.64
C GLU B 60 18.36 16.89 3.51
N GLU B 61 18.79 16.09 4.47
CA GLU B 61 17.81 15.32 5.24
C GLU B 61 17.23 16.17 6.35
N VAL B 62 16.08 15.73 6.86
CA VAL B 62 15.29 16.49 7.81
C VAL B 62 15.08 15.64 9.05
N VAL B 63 15.50 16.16 10.20
CA VAL B 63 15.20 15.57 11.50
C VAL B 63 14.20 16.48 12.20
N VAL B 64 13.08 15.91 12.63
CA VAL B 64 12.00 16.65 13.27
C VAL B 64 12.07 16.35 14.77
N GLY B 65 12.25 17.41 15.57
CA GLY B 65 12.50 17.25 16.98
C GLY B 65 13.95 16.91 17.27
N PHE B 66 14.31 16.98 18.55
CA PHE B 66 15.68 16.71 18.98
C PHE B 66 15.86 15.20 19.11
N ASP B 67 16.01 14.53 17.96
CA ASP B 67 16.31 13.11 17.92
C ASP B 67 17.82 12.95 18.01
N ARG B 68 18.32 12.82 19.24
CA ARG B 68 19.75 12.88 19.53
C ARG B 68 20.55 11.93 18.64
N ASP B 69 20.20 10.64 18.68
CA ASP B 69 21.00 9.63 17.99
C ASP B 69 20.98 9.82 16.47
N LYS B 70 19.81 10.14 15.93
CA LYS B 70 19.70 10.39 14.49
C LYS B 70 20.65 11.51 14.07
N ILE B 71 20.58 12.66 14.76
CA ILE B 71 21.48 13.77 14.43
C ILE B 71 22.93 13.37 14.62
N GLU B 72 23.23 12.48 15.58
CA GLU B 72 24.60 12.01 15.74
C GLU B 72 25.08 11.26 14.50
N GLU B 73 24.20 10.45 13.91
CA GLU B 73 24.62 9.59 12.80
C GLU B 73 24.93 10.39 11.54
N LEU B 74 24.31 11.57 11.37
CA LEU B 74 24.66 12.46 10.27
C LEU B 74 25.62 13.53 10.79
N GLU C 4 2.14 24.52 -14.74
CA GLU C 4 3.16 23.47 -14.77
C GLU C 4 3.11 22.65 -13.49
N VAL C 5 2.83 21.35 -13.62
CA VAL C 5 2.62 20.47 -12.49
C VAL C 5 3.46 19.21 -12.64
N ILE C 6 4.06 18.76 -11.54
CA ILE C 6 4.72 17.47 -11.44
C ILE C 6 4.16 16.74 -10.22
N VAL C 7 3.98 15.43 -10.33
CA VAL C 7 3.38 14.64 -9.27
C VAL C 7 4.27 13.43 -8.98
N TYR C 8 4.90 13.43 -7.81
CA TYR C 8 5.65 12.27 -7.33
C TYR C 8 4.68 11.32 -6.63
N THR C 9 4.60 10.09 -7.13
CA THR C 9 3.63 9.10 -6.67
C THR C 9 4.33 7.78 -6.40
N SER C 10 3.57 6.82 -5.88
CA SER C 10 4.05 5.47 -5.65
C SER C 10 2.89 4.51 -5.85
N ASN C 11 3.23 3.23 -6.09
CA ASN C 11 2.20 2.23 -6.34
C ASN C 11 1.42 1.92 -5.07
N THR C 12 2.10 1.82 -3.93
CA THR C 12 1.51 1.38 -2.67
C THR C 12 0.86 2.52 -1.88
N CYS C 13 0.36 3.55 -2.56
CA CYS C 13 -0.17 4.73 -1.89
C CYS C 13 -1.56 5.08 -2.41
N PRO C 14 -2.59 5.02 -1.56
CA PRO C 14 -3.92 5.43 -2.05
C PRO C 14 -4.00 6.90 -2.40
N HIS C 15 -3.30 7.75 -1.65
CA HIS C 15 -3.43 9.19 -1.85
C HIS C 15 -2.80 9.65 -3.16
N SER C 16 -1.75 8.97 -3.62
CA SER C 16 -1.22 9.24 -4.95
C SER C 16 -2.32 9.06 -6.00
N PHE C 17 -3.03 7.94 -5.94
CA PHE C 17 -4.12 7.70 -6.87
C PHE C 17 -5.22 8.74 -6.72
N THR C 18 -5.56 9.11 -5.48
CA THR C 18 -6.66 10.06 -5.29
C THR C 18 -6.31 11.43 -5.85
N VAL C 19 -5.06 11.88 -5.67
CA VAL C 19 -4.71 13.20 -6.20
C VAL C 19 -4.53 13.16 -7.72
N LYS C 20 -4.07 12.03 -8.27
CA LYS C 20 -4.05 11.90 -9.73
C LYS C 20 -5.48 12.00 -10.29
N GLU C 21 -6.43 11.31 -9.64
CA GLU C 21 -7.82 11.38 -10.06
C GLU C 21 -8.37 12.80 -9.90
N PHE C 22 -7.98 13.49 -8.82
CA PHE C 22 -8.40 14.88 -8.63
C PHE C 22 -7.91 15.76 -9.77
N LEU C 23 -6.63 15.65 -10.10
CA LEU C 23 -6.04 16.49 -11.15
C LEU C 23 -6.70 16.22 -12.50
N SER C 24 -6.90 14.95 -12.85
CA SER C 24 -7.53 14.64 -14.12
C SER C 24 -9.02 15.01 -14.13
N GLU C 25 -9.70 14.86 -12.98
CA GLU C 25 -11.09 15.28 -12.87
C GLU C 25 -11.23 16.78 -13.04
N ASN C 26 -10.21 17.54 -12.66
CA ASN C 26 -10.19 18.98 -12.89
C ASN C 26 -9.42 19.37 -14.13
N ASN C 27 -9.16 18.41 -15.03
CA ASN C 27 -8.56 18.67 -16.34
C ASN C 27 -7.23 19.40 -16.22
N VAL C 28 -6.34 18.86 -15.39
CA VAL C 28 -5.03 19.47 -15.14
C VAL C 28 -3.97 18.54 -15.73
N GLU C 29 -3.32 19.00 -16.79
CA GLU C 29 -2.19 18.27 -17.35
C GLU C 29 -1.06 18.24 -16.33
N PHE C 30 -0.52 17.04 -16.07
CA PHE C 30 0.56 16.91 -15.09
C PHE C 30 1.51 15.81 -15.51
N THR C 31 2.75 15.92 -15.03
CA THR C 31 3.77 14.90 -15.21
C THR C 31 3.80 14.01 -13.97
N GLU C 32 3.86 12.69 -14.21
CA GLU C 32 3.90 11.71 -13.13
C GLU C 32 5.29 11.11 -13.03
N LYS C 33 5.84 11.09 -11.82
CA LYS C 33 7.13 10.48 -11.52
C LYS C 33 6.89 9.44 -10.42
N ASN C 34 6.63 8.20 -10.83
CA ASN C 34 6.34 7.11 -9.89
C ASN C 34 7.66 6.67 -9.27
N ILE C 35 7.90 7.07 -8.02
CA ILE C 35 9.18 6.84 -7.36
C ILE C 35 9.43 5.38 -7.02
N GLN C 36 8.43 4.51 -7.16
CA GLN C 36 8.62 3.10 -6.91
C GLN C 36 9.16 2.34 -8.10
N THR C 37 9.10 2.92 -9.30
CA THR C 37 9.65 2.31 -10.50
C THR C 37 10.63 3.19 -11.25
N ASP C 38 10.64 4.50 -11.01
CA ASP C 38 11.56 5.45 -11.64
C ASP C 38 12.61 5.82 -10.60
N ALA C 39 13.74 5.12 -10.62
CA ALA C 39 14.77 5.33 -9.61
C ALA C 39 15.34 6.75 -9.65
N ALA C 40 15.49 7.29 -10.86
CA ALA C 40 15.95 8.68 -10.99
C ALA C 40 14.99 9.63 -10.28
N ALA C 41 13.68 9.45 -10.50
CA ALA C 41 12.69 10.30 -9.85
C ALA C 41 12.76 10.15 -8.33
N ARG C 42 12.92 8.93 -7.84
CA ARG C 42 12.91 8.73 -6.39
C ARG C 42 14.16 9.32 -5.74
N LYS C 43 15.33 9.20 -6.38
CA LYS C 43 16.52 9.80 -5.77
C LYS C 43 16.49 11.33 -5.88
N GLU C 44 15.92 11.85 -6.97
CA GLU C 44 15.71 13.29 -7.09
C GLU C 44 14.83 13.80 -5.96
N LEU C 45 13.73 13.09 -5.68
CA LEU C 45 12.89 13.44 -4.54
C LEU C 45 13.61 13.20 -3.22
N MET C 46 14.50 12.21 -3.18
CA MET C 46 15.17 11.82 -1.94
C MET C 46 16.08 12.93 -1.44
N LYS C 47 16.97 13.41 -2.29
CA LYS C 47 17.80 14.54 -1.89
C LYS C 47 17.14 15.89 -2.21
N LYS C 48 15.81 15.96 -2.10
CA LYS C 48 15.12 17.24 -2.01
C LYS C 48 14.70 17.55 -0.58
N GLY C 49 14.94 16.65 0.36
CA GLY C 49 14.52 16.80 1.74
C GLY C 49 13.24 16.07 2.07
N ILE C 50 12.39 15.85 1.08
CA ILE C 50 11.08 15.24 1.31
C ILE C 50 11.23 13.74 1.45
N MET C 51 10.29 13.14 2.19
CA MET C 51 9.98 11.70 2.11
C MET C 51 8.52 11.57 2.56
N ALA C 52 7.63 11.91 1.64
CA ALA C 52 6.23 12.14 1.99
C ALA C 52 5.28 11.30 1.16
N VAL C 53 5.42 11.37 -0.17
CA VAL C 53 4.61 10.66 -1.17
C VAL C 53 3.10 10.67 -0.88
N PRO C 54 2.28 11.31 -1.72
CA PRO C 54 2.62 11.99 -2.99
C PRO C 54 3.02 13.45 -2.82
N VAL C 55 3.86 13.95 -3.73
CA VAL C 55 4.30 15.34 -3.72
C VAL C 55 3.79 16.02 -4.99
N ILE C 56 3.20 17.20 -4.84
CA ILE C 56 2.66 17.94 -5.97
C ILE C 56 3.48 19.22 -6.11
N GLN C 57 4.41 19.21 -7.06
CA GLN C 57 5.26 20.38 -7.34
C GLN C 57 4.56 21.24 -8.37
N ILE C 58 4.06 22.39 -7.95
CA ILE C 58 3.46 23.36 -8.87
C ILE C 58 4.50 24.43 -9.19
N ASP C 59 5.37 24.12 -10.15
CA ASP C 59 6.44 24.96 -10.71
C ASP C 59 7.43 25.51 -9.68
N GLU C 60 6.97 25.98 -8.52
CA GLU C 60 7.89 26.44 -7.49
C GLU C 60 7.36 26.10 -6.11
N GLU C 61 6.04 26.07 -5.97
CA GLU C 61 5.42 25.66 -4.72
C GLU C 61 5.42 24.14 -4.61
N VAL C 62 5.26 23.66 -3.38
CA VAL C 62 5.25 22.23 -3.08
C VAL C 62 4.07 21.93 -2.18
N VAL C 63 3.20 21.04 -2.63
CA VAL C 63 2.11 20.52 -1.82
C VAL C 63 2.43 19.07 -1.47
N VAL C 64 2.44 18.77 -0.18
CA VAL C 64 2.78 17.45 0.33
C VAL C 64 1.49 16.77 0.78
N GLY C 65 1.15 15.66 0.11
CA GLY C 65 -0.09 14.98 0.38
C GLY C 65 -1.26 15.58 -0.38
N PHE C 66 -2.43 14.95 -0.20
CA PHE C 66 -3.64 15.37 -0.90
C PHE C 66 -4.37 16.43 -0.09
N ASP C 67 -3.76 17.60 -0.01
CA ASP C 67 -4.40 18.79 0.56
C ASP C 67 -5.29 19.37 -0.53
N ARG C 68 -6.56 18.99 -0.52
CA ARG C 68 -7.47 19.36 -1.59
C ARG C 68 -7.64 20.88 -1.68
N ASP C 69 -7.88 21.52 -0.54
CA ASP C 69 -8.12 22.97 -0.55
C ASP C 69 -6.89 23.74 -0.99
N LYS C 70 -5.70 23.27 -0.61
CA LYS C 70 -4.47 23.96 -1.00
C LYS C 70 -4.21 23.81 -2.49
N ILE C 71 -4.42 22.61 -3.04
CA ILE C 71 -4.23 22.41 -4.48
C ILE C 71 -5.26 23.21 -5.26
N GLU C 72 -6.48 23.32 -4.72
CA GLU C 72 -7.52 24.12 -5.39
C GLU C 72 -7.10 25.57 -5.54
N GLU C 73 -6.33 26.10 -4.58
CA GLU C 73 -5.86 27.49 -4.57
C GLU C 73 -4.96 27.83 -5.75
N LEU C 74 -4.79 26.95 -6.73
CA LEU C 74 -3.94 27.22 -7.89
C LEU C 74 -4.63 26.78 -9.17
#